data_2RIA
#
_entry.id   2RIA
#
_cell.length_a   55.414
_cell.length_b   108.606
_cell.length_c   55.548
_cell.angle_alpha   90.000
_cell.angle_beta   91.030
_cell.angle_gamma   90.000
#
_symmetry.space_group_name_H-M   'P 1 21 1'
#
loop_
_entity.id
_entity.type
_entity.pdbx_description
1 polymer 'Pulmonary surfactant-associated protein D'
2 non-polymer 'CALCIUM ION'
3 non-polymer D-glycero-alpha-D-manno-heptopyranose
4 water water
#
_entity_poly.entity_id   1
_entity_poly.type   'polypeptide(L)'
_entity_poly.pdbx_seq_one_letter_code
;AMADIGSDVASLRQQVEALQGQVQHLQAAFSQYKKVELFPNGQSVGEKIFKTAGFVKPFTEAQLLCTQAGGQLASPRSAA
ENAALQQLVVAKNEAAFLSMTDSKTEGKFTYPTGESLVYSNWAPGEPNDDGGSEDCVEIFTNGKWNDRACGEKRLVVCEF
;
_entity_poly.pdbx_strand_id   A,B,C
#
loop_
_chem_comp.id
_chem_comp.type
_chem_comp.name
_chem_comp.formula
289 D-saccharide, alpha linking D-glycero-alpha-D-manno-heptopyranose 'C7 H14 O7'
CA non-polymer 'CALCIUM ION' 'Ca 2'
#
# COMPACT_ATOMS: atom_id res chain seq x y z
N GLN A 15 -10.63 21.27 -30.28
CA GLN A 15 -9.90 20.81 -29.06
C GLN A 15 -10.80 19.97 -28.17
N VAL A 16 -11.98 19.63 -28.66
CA VAL A 16 -12.93 18.83 -27.90
C VAL A 16 -12.51 17.37 -27.89
N GLU A 17 -12.49 16.75 -29.06
CA GLU A 17 -12.12 15.35 -29.17
C GLU A 17 -10.77 15.10 -28.49
N ALA A 18 -9.97 16.16 -28.39
CA ALA A 18 -8.67 16.09 -27.75
C ALA A 18 -8.82 15.71 -26.28
N LEU A 19 -9.61 16.49 -25.56
CA LEU A 19 -9.84 16.24 -24.13
C LEU A 19 -10.60 14.94 -23.91
N GLN A 20 -11.62 14.69 -24.74
CA GLN A 20 -12.41 13.48 -24.61
C GLN A 20 -11.50 12.26 -24.65
N GLY A 21 -10.49 12.32 -25.51
CA GLY A 21 -9.56 11.22 -25.61
C GLY A 21 -8.80 11.03 -24.32
N GLN A 22 -8.22 12.12 -23.82
CA GLN A 22 -7.45 12.10 -22.58
C GLN A 22 -8.26 11.59 -21.38
N VAL A 23 -9.51 12.00 -21.29
CA VAL A 23 -10.36 11.58 -20.18
C VAL A 23 -10.64 10.08 -20.20
N GLN A 24 -10.90 9.54 -21.38
CA GLN A 24 -11.19 8.12 -21.50
C GLN A 24 -9.97 7.32 -21.05
N HIS A 25 -8.80 7.74 -21.50
CA HIS A 25 -7.56 7.06 -21.15
C HIS A 25 -7.21 7.26 -19.68
N LEU A 26 -7.54 8.43 -19.15
CA LEU A 26 -7.28 8.70 -17.74
C LEU A 26 -8.20 7.80 -16.94
N GLN A 27 -9.42 7.61 -17.43
CA GLN A 27 -10.40 6.78 -16.78
C GLN A 27 -9.93 5.34 -16.70
N ALA A 28 -9.39 4.85 -17.81
CA ALA A 28 -8.90 3.48 -17.87
C ALA A 28 -7.69 3.28 -16.94
N ALA A 29 -6.77 4.24 -16.96
CA ALA A 29 -5.58 4.14 -16.11
C ALA A 29 -5.96 4.18 -14.63
N PHE A 30 -6.92 5.01 -14.29
CA PHE A 30 -7.38 5.13 -12.90
C PHE A 30 -8.03 3.83 -12.42
N SER A 31 -8.78 3.19 -13.30
CA SER A 31 -9.45 1.93 -12.96
C SER A 31 -8.41 0.86 -12.64
N GLN A 32 -7.34 0.83 -13.42
CA GLN A 32 -6.29 -0.15 -13.20
C GLN A 32 -5.58 0.12 -11.88
N TYR A 33 -5.25 1.38 -11.62
CA TYR A 33 -4.56 1.72 -10.38
C TYR A 33 -5.43 1.53 -9.15
N LYS A 34 -6.75 1.53 -9.35
CA LYS A 34 -7.68 1.33 -8.25
C LYS A 34 -7.57 -0.12 -7.78
N LYS A 35 -7.53 -1.06 -8.71
CA LYS A 35 -7.42 -2.47 -8.36
C LYS A 35 -6.08 -2.74 -7.69
N VAL A 36 -5.03 -2.12 -8.23
CA VAL A 36 -3.68 -2.29 -7.69
C VAL A 36 -3.65 -1.77 -6.25
N GLU A 37 -4.28 -0.61 -6.04
CA GLU A 37 -4.34 0.00 -4.73
C GLU A 37 -4.97 -0.89 -3.66
N LEU A 38 -6.10 -1.51 -3.98
CA LEU A 38 -6.81 -2.35 -3.01
C LEU A 38 -6.17 -3.69 -2.69
N PHE A 39 -5.23 -4.13 -3.53
CA PHE A 39 -4.56 -5.41 -3.28
C PHE A 39 -3.31 -5.16 -2.43
N PRO A 40 -3.20 -5.83 -1.27
CA PRO A 40 -4.11 -6.81 -0.67
C PRO A 40 -4.83 -6.31 0.58
N ASN A 41 -4.65 -5.03 0.91
CA ASN A 41 -5.24 -4.50 2.14
C ASN A 41 -6.53 -3.69 2.04
N GLY A 42 -7.21 -3.76 0.90
CA GLY A 42 -8.44 -3.00 0.75
C GLY A 42 -9.58 -3.81 0.16
N GLN A 43 -10.80 -3.33 0.33
CA GLN A 43 -12.00 -3.97 -0.20
C GLN A 43 -13.03 -2.92 -0.54
N SER A 44 -13.53 -2.95 -1.77
CA SER A 44 -14.54 -1.99 -2.19
C SER A 44 -15.90 -2.69 -2.22
N VAL A 45 -16.92 -1.97 -1.76
CA VAL A 45 -18.28 -2.48 -1.74
C VAL A 45 -19.14 -1.25 -1.96
N GLY A 46 -19.85 -1.22 -3.09
CA GLY A 46 -20.65 -0.05 -3.38
C GLY A 46 -19.69 1.12 -3.60
N GLU A 47 -20.03 2.28 -3.04
CA GLU A 47 -19.17 3.46 -3.18
C GLU A 47 -18.23 3.57 -1.98
N LYS A 48 -18.24 2.54 -1.14
CA LYS A 48 -17.40 2.51 0.06
C LYS A 48 -16.13 1.67 -0.10
N ILE A 49 -15.06 2.10 0.57
CA ILE A 49 -13.79 1.38 0.51
C ILE A 49 -13.26 1.14 1.92
N PHE A 50 -12.96 -0.13 2.23
CA PHE A 50 -12.40 -0.49 3.53
C PHE A 50 -10.90 -0.68 3.30
N LYS A 51 -10.08 -0.24 4.24
CA LYS A 51 -8.66 -0.46 4.13
C LYS A 51 -8.07 -0.64 5.51
N THR A 52 -7.32 -1.72 5.69
CA THR A 52 -6.68 -2.01 6.97
C THR A 52 -5.28 -1.44 7.01
N ALA A 53 -4.86 -1.01 8.21
CA ALA A 53 -3.54 -0.45 8.40
C ALA A 53 -2.55 -1.59 8.53
N GLY A 54 -3.06 -2.78 8.84
CA GLY A 54 -2.20 -3.93 8.97
C GLY A 54 -1.67 -4.19 10.37
N PHE A 55 -2.12 -3.39 11.34
CA PHE A 55 -1.68 -3.57 12.72
C PHE A 55 -2.82 -3.29 13.70
N VAL A 56 -2.64 -3.68 14.95
CA VAL A 56 -3.66 -3.47 15.98
C VAL A 56 -3.42 -2.24 16.84
N LYS A 57 -4.50 -1.68 17.35
CA LYS A 57 -4.44 -0.50 18.21
C LYS A 57 -5.67 -0.49 19.10
N PRO A 58 -5.62 0.24 20.22
CA PRO A 58 -6.79 0.30 21.10
C PRO A 58 -7.80 1.15 20.34
N PHE A 59 -9.07 1.08 20.73
CA PHE A 59 -10.11 1.83 20.03
C PHE A 59 -9.83 3.32 19.78
N THR A 60 -9.56 4.07 20.83
CA THR A 60 -9.31 5.51 20.68
C THR A 60 -8.20 5.82 19.68
N GLU A 61 -7.09 5.09 19.78
CA GLU A 61 -5.98 5.31 18.86
C GLU A 61 -6.37 4.95 17.43
N ALA A 62 -7.13 3.87 17.29
CA ALA A 62 -7.57 3.42 15.98
C ALA A 62 -8.53 4.46 15.37
N GLN A 63 -9.45 4.94 16.19
CA GLN A 63 -10.42 5.93 15.77
C GLN A 63 -9.69 7.19 15.29
N LEU A 64 -8.68 7.61 16.06
CA LEU A 64 -7.92 8.80 15.71
C LEU A 64 -7.20 8.62 14.37
N LEU A 65 -6.63 7.44 14.16
CA LEU A 65 -5.90 7.15 12.91
C LEU A 65 -6.82 7.32 11.71
N CYS A 66 -8.05 6.80 11.82
CA CYS A 66 -8.99 6.88 10.72
C CYS A 66 -9.47 8.31 10.48
N THR A 67 -9.85 9.00 11.54
CA THR A 67 -10.33 10.36 11.39
C THR A 67 -9.23 11.25 10.80
N GLN A 68 -8.00 11.10 11.27
CA GLN A 68 -6.91 11.92 10.73
C GLN A 68 -6.64 11.60 9.27
N ALA A 69 -6.98 10.39 8.85
CA ALA A 69 -6.76 9.98 7.46
C ALA A 69 -7.90 10.45 6.57
N GLY A 70 -8.88 11.13 7.17
CA GLY A 70 -10.01 11.62 6.39
C GLY A 70 -11.12 10.60 6.23
N GLY A 71 -11.10 9.57 7.06
CA GLY A 71 -12.14 8.55 7.00
C GLY A 71 -12.67 8.31 8.39
N GLN A 72 -13.07 7.08 8.67
CA GLN A 72 -13.58 6.71 9.98
C GLN A 72 -13.45 5.20 10.13
N LEU A 73 -13.61 4.70 11.35
CA LEU A 73 -13.51 3.27 11.58
C LEU A 73 -14.58 2.54 10.78
N ALA A 74 -14.28 1.29 10.39
CA ALA A 74 -15.22 0.48 9.61
C ALA A 74 -16.62 0.53 10.23
N SER A 75 -17.61 0.84 9.40
CA SER A 75 -19.00 0.96 9.83
C SER A 75 -19.92 0.22 8.85
N PRO A 76 -19.89 -1.11 8.87
CA PRO A 76 -20.75 -1.89 7.97
C PRO A 76 -22.23 -1.62 8.21
N ARG A 77 -22.91 -1.13 7.18
CA ARG A 77 -24.33 -0.80 7.29
C ARG A 77 -25.27 -1.78 6.62
N SER A 78 -24.74 -2.91 6.14
CA SER A 78 -25.55 -3.92 5.47
C SER A 78 -24.80 -5.24 5.43
N ALA A 79 -25.50 -6.30 5.07
CA ALA A 79 -24.88 -7.63 4.98
C ALA A 79 -23.77 -7.59 3.95
N ALA A 80 -23.98 -6.86 2.86
CA ALA A 80 -22.99 -6.76 1.80
C ALA A 80 -21.72 -6.07 2.30
N GLU A 81 -21.87 -5.00 3.06
CA GLU A 81 -20.71 -4.30 3.58
C GLU A 81 -20.00 -5.16 4.62
N ASN A 82 -20.78 -5.86 5.44
CA ASN A 82 -20.18 -6.70 6.47
C ASN A 82 -19.37 -7.83 5.83
N ALA A 83 -19.89 -8.39 4.74
CA ALA A 83 -19.22 -9.47 4.03
C ALA A 83 -17.88 -9.01 3.46
N ALA A 84 -17.87 -7.81 2.89
CA ALA A 84 -16.66 -7.24 2.31
C ALA A 84 -15.62 -6.99 3.40
N LEU A 85 -16.08 -6.46 4.54
CA LEU A 85 -15.18 -6.19 5.65
C LEU A 85 -14.63 -7.50 6.19
N GLN A 86 -15.49 -8.51 6.28
CA GLN A 86 -15.07 -9.81 6.79
C GLN A 86 -13.92 -10.40 5.96
N GLN A 87 -13.87 -10.08 4.66
CA GLN A 87 -12.80 -10.58 3.81
C GLN A 87 -11.44 -10.13 4.29
N LEU A 88 -11.34 -8.87 4.71
CA LEU A 88 -10.08 -8.32 5.20
C LEU A 88 -9.71 -8.91 6.56
N VAL A 89 -10.72 -9.11 7.41
CA VAL A 89 -10.49 -9.68 8.72
C VAL A 89 -9.97 -11.11 8.56
N VAL A 90 -10.58 -11.86 7.66
CA VAL A 90 -10.18 -13.24 7.39
C VAL A 90 -8.76 -13.28 6.83
N ALA A 91 -8.48 -12.43 5.83
CA ALA A 91 -7.16 -12.39 5.21
C ALA A 91 -6.07 -12.06 6.21
N LYS A 92 -6.36 -11.13 7.13
CA LYS A 92 -5.38 -10.72 8.14
C LYS A 92 -5.45 -11.64 9.35
N ASN A 93 -6.53 -12.42 9.44
CA ASN A 93 -6.76 -13.34 10.54
C ASN A 93 -6.66 -12.62 11.89
N GLU A 94 -7.24 -11.43 11.95
CA GLU A 94 -7.24 -10.63 13.18
C GLU A 94 -8.58 -9.92 13.31
N ALA A 95 -9.24 -10.07 14.46
CA ALA A 95 -10.52 -9.42 14.70
C ALA A 95 -10.29 -7.92 14.63
N ALA A 96 -11.26 -7.17 14.09
CA ALA A 96 -11.12 -5.73 13.96
C ALA A 96 -12.20 -4.91 14.66
N PHE A 97 -11.83 -3.70 15.08
CA PHE A 97 -12.76 -2.79 15.72
C PHE A 97 -13.68 -2.15 14.69
N LEU A 98 -14.93 -1.92 15.08
CA LEU A 98 -15.88 -1.23 14.22
C LEU A 98 -15.94 0.15 14.86
N SER A 99 -16.64 1.09 14.25
CA SER A 99 -16.72 2.44 14.79
C SER A 99 -17.75 2.62 15.90
N MET A 100 -18.76 1.76 15.92
CA MET A 100 -19.85 1.88 16.87
C MET A 100 -19.56 1.58 18.35
N THR A 101 -20.15 2.39 19.23
CA THR A 101 -19.98 2.22 20.67
C THR A 101 -21.28 2.57 21.40
N ASP A 102 -21.40 2.10 22.64
CA ASP A 102 -22.58 2.43 23.43
C ASP A 102 -22.06 3.10 24.70
N SER A 103 -21.08 3.98 24.51
CA SER A 103 -20.47 4.72 25.62
C SER A 103 -21.43 5.74 26.18
N LYS A 104 -22.24 6.35 25.32
CA LYS A 104 -23.20 7.37 25.75
C LYS A 104 -24.35 6.77 26.55
N THR A 105 -25.00 5.77 25.97
CA THR A 105 -26.11 5.09 26.62
C THR A 105 -25.89 3.58 26.54
N GLU A 106 -25.53 3.01 27.68
CA GLU A 106 -25.28 1.57 27.78
C GLU A 106 -26.38 0.75 27.09
N GLY A 107 -25.97 -0.16 26.22
CA GLY A 107 -26.93 -1.00 25.51
C GLY A 107 -27.37 -0.43 24.18
N LYS A 108 -27.19 0.86 23.99
CA LYS A 108 -27.59 1.52 22.75
C LYS A 108 -26.37 1.87 21.89
N PHE A 109 -26.06 1.01 20.92
CA PHE A 109 -24.91 1.27 20.06
C PHE A 109 -25.23 2.26 18.96
N THR A 110 -24.30 3.18 18.75
CA THR A 110 -24.48 4.23 17.75
C THR A 110 -23.20 4.44 16.93
N TYR A 111 -23.36 5.04 15.76
CA TYR A 111 -22.23 5.36 14.89
C TYR A 111 -21.63 6.64 15.47
N PRO A 112 -20.48 7.08 14.96
CA PRO A 112 -19.86 8.30 15.49
C PRO A 112 -20.78 9.53 15.48
N THR A 113 -21.71 9.55 14.53
CA THR A 113 -22.64 10.67 14.40
C THR A 113 -23.71 10.67 15.49
N GLY A 114 -23.86 9.54 16.18
CA GLY A 114 -24.87 9.46 17.22
C GLY A 114 -26.09 8.70 16.73
N GLU A 115 -26.13 8.44 15.42
CA GLU A 115 -27.24 7.70 14.81
C GLU A 115 -27.26 6.24 15.28
N SER A 116 -28.46 5.69 15.46
CA SER A 116 -28.62 4.31 15.90
C SER A 116 -28.28 3.33 14.77
N LEU A 117 -27.88 2.12 15.13
CA LEU A 117 -27.54 1.12 14.13
C LEU A 117 -28.69 0.85 13.16
N VAL A 118 -28.35 0.61 11.90
CA VAL A 118 -29.35 0.33 10.87
C VAL A 118 -29.10 -1.10 10.41
N TYR A 119 -28.08 -1.72 11.01
CA TYR A 119 -27.70 -3.09 10.69
C TYR A 119 -26.81 -3.61 11.83
N SER A 120 -26.93 -4.91 12.12
CA SER A 120 -26.11 -5.54 13.15
C SER A 120 -25.95 -7.02 12.82
N ASN A 121 -24.88 -7.62 13.32
CA ASN A 121 -24.60 -9.03 13.07
C ASN A 121 -23.97 -9.63 14.33
N TRP A 122 -24.62 -9.38 15.47
CA TRP A 122 -24.15 -9.86 16.77
C TRP A 122 -24.05 -11.38 16.83
N ALA A 123 -22.96 -11.87 17.42
CA ALA A 123 -22.77 -13.30 17.57
C ALA A 123 -23.77 -13.72 18.66
N PRO A 124 -24.16 -15.00 18.68
CA PRO A 124 -25.12 -15.48 19.70
C PRO A 124 -24.66 -15.12 21.11
N GLY A 125 -25.55 -14.50 21.88
CA GLY A 125 -25.23 -14.12 23.24
C GLY A 125 -24.69 -12.70 23.37
N GLU A 126 -24.51 -12.03 22.23
CA GLU A 126 -23.98 -10.67 22.22
C GLU A 126 -25.02 -9.66 21.76
N PRO A 127 -24.89 -8.39 22.19
CA PRO A 127 -23.84 -7.85 23.07
C PRO A 127 -24.21 -8.14 24.53
N ASN A 128 -23.22 -8.48 25.34
CA ASN A 128 -23.48 -8.82 26.75
C ASN A 128 -22.83 -7.91 27.79
N ASP A 129 -22.07 -6.91 27.33
CA ASP A 129 -21.38 -5.98 28.24
C ASP A 129 -20.68 -6.75 29.37
N ASP A 130 -19.91 -7.76 28.99
CA ASP A 130 -19.21 -8.60 29.94
C ASP A 130 -18.30 -7.81 30.86
N GLY A 131 -18.28 -8.18 32.14
CA GLY A 131 -17.44 -7.48 33.10
C GLY A 131 -18.03 -6.12 33.42
N GLY A 132 -19.14 -5.79 32.79
CA GLY A 132 -19.78 -4.51 33.01
C GLY A 132 -19.03 -3.38 32.34
N SER A 133 -18.21 -3.69 31.34
CA SER A 133 -17.44 -2.66 30.67
C SER A 133 -16.98 -3.01 29.23
N GLU A 134 -17.94 -3.23 28.34
CA GLU A 134 -17.61 -3.52 26.95
C GLU A 134 -18.46 -2.60 26.08
N ASP A 135 -17.90 -1.45 25.75
CA ASP A 135 -18.63 -0.47 24.96
C ASP A 135 -18.21 -0.34 23.51
N CYS A 136 -17.23 -1.13 23.08
CA CYS A 136 -16.79 -1.10 21.70
C CYS A 136 -17.20 -2.39 21.00
N VAL A 137 -17.02 -2.44 19.69
CA VAL A 137 -17.42 -3.61 18.93
C VAL A 137 -16.32 -4.16 18.04
N GLU A 138 -16.21 -5.48 18.02
CA GLU A 138 -15.22 -6.13 17.17
C GLU A 138 -15.95 -7.07 16.22
N ILE A 139 -15.36 -7.31 15.06
CA ILE A 139 -15.94 -8.23 14.09
C ILE A 139 -14.93 -9.37 13.95
N PHE A 140 -15.44 -10.59 14.11
CA PHE A 140 -14.61 -11.79 14.03
C PHE A 140 -14.37 -12.23 12.59
N THR A 141 -13.48 -13.22 12.42
CA THR A 141 -13.19 -13.74 11.10
C THR A 141 -14.43 -14.38 10.48
N ASN A 142 -15.40 -14.75 11.32
CA ASN A 142 -16.64 -15.34 10.80
C ASN A 142 -17.66 -14.27 10.48
N GLY A 143 -17.26 -13.01 10.60
CA GLY A 143 -18.16 -11.91 10.29
C GLY A 143 -19.10 -11.47 11.39
N LYS A 144 -19.17 -12.24 12.47
CA LYS A 144 -20.05 -11.90 13.59
C LYS A 144 -19.44 -10.83 14.48
N TRP A 145 -20.30 -10.11 15.19
CA TRP A 145 -19.87 -9.03 16.07
C TRP A 145 -19.93 -9.40 17.55
N ASN A 146 -19.09 -8.73 18.32
CA ASN A 146 -19.01 -8.95 19.76
C ASN A 146 -18.62 -7.64 20.46
N ASP A 147 -19.33 -7.27 21.52
CA ASP A 147 -18.95 -6.04 22.22
C ASP A 147 -17.72 -6.40 23.05
N ARG A 148 -16.74 -5.52 23.01
CA ARG A 148 -15.47 -5.74 23.68
C ARG A 148 -14.98 -4.48 24.35
N ALA A 149 -14.14 -4.62 25.38
CA ALA A 149 -13.61 -3.46 26.08
C ALA A 149 -12.81 -2.62 25.09
N CYS A 150 -13.11 -1.34 25.04
CA CYS A 150 -12.43 -0.41 24.13
C CYS A 150 -10.92 -0.34 24.31
N GLY A 151 -10.44 -0.77 25.48
CA GLY A 151 -9.01 -0.74 25.77
C GLY A 151 -8.21 -1.86 25.14
N GLU A 152 -8.90 -2.89 24.65
CA GLU A 152 -8.21 -4.00 24.00
C GLU A 152 -7.69 -3.53 22.65
N LYS A 153 -6.69 -4.22 22.12
CA LYS A 153 -6.12 -3.87 20.83
C LYS A 153 -6.71 -4.77 19.75
N ARG A 154 -7.15 -4.16 18.65
CA ARG A 154 -7.73 -4.91 17.55
C ARG A 154 -7.26 -4.32 16.22
N LEU A 155 -7.36 -5.10 15.15
CA LEU A 155 -6.93 -4.67 13.83
C LEU A 155 -7.60 -3.36 13.44
N VAL A 156 -6.82 -2.42 12.92
CA VAL A 156 -7.34 -1.12 12.52
C VAL A 156 -7.80 -1.17 11.07
N VAL A 157 -9.09 -0.92 10.85
CA VAL A 157 -9.66 -0.91 9.52
C VAL A 157 -10.51 0.33 9.38
N CYS A 158 -10.18 1.19 8.42
CA CYS A 158 -10.95 2.40 8.22
C CYS A 158 -11.79 2.26 6.96
N GLU A 159 -12.78 3.14 6.82
CA GLU A 159 -13.62 3.14 5.63
C GLU A 159 -13.52 4.54 5.05
N PHE A 160 -13.47 4.62 3.73
CA PHE A 160 -13.35 5.88 3.00
C PHE A 160 -14.45 5.96 1.94
N GLN B 15 -15.85 27.25 -21.57
CA GLN B 15 -15.76 26.15 -20.58
C GLN B 15 -14.55 25.26 -20.83
N VAL B 16 -14.25 25.01 -22.10
CA VAL B 16 -13.12 24.18 -22.47
C VAL B 16 -11.86 24.65 -21.75
N GLU B 17 -11.62 25.96 -21.76
CA GLU B 17 -10.46 26.54 -21.12
C GLU B 17 -10.30 26.03 -19.69
N ALA B 18 -11.39 26.10 -18.92
CA ALA B 18 -11.37 25.65 -17.53
C ALA B 18 -11.38 24.14 -17.42
N LEU B 19 -12.10 23.48 -18.31
CA LEU B 19 -12.18 22.02 -18.31
C LEU B 19 -10.80 21.43 -18.60
N GLN B 20 -10.03 22.12 -19.45
CA GLN B 20 -8.69 21.67 -19.79
C GLN B 20 -7.83 21.76 -18.55
N GLY B 21 -8.06 22.79 -17.75
CA GLY B 21 -7.29 22.97 -16.53
C GLY B 21 -7.59 21.87 -15.52
N GLN B 22 -8.80 21.34 -15.56
CA GLN B 22 -9.19 20.27 -14.63
C GLN B 22 -8.56 18.94 -15.03
N VAL B 23 -8.61 18.64 -16.32
CA VAL B 23 -8.03 17.39 -16.83
C VAL B 23 -6.52 17.44 -16.62
N GLN B 24 -5.94 18.63 -16.82
CA GLN B 24 -4.51 18.80 -16.65
C GLN B 24 -4.12 18.60 -15.18
N HIS B 25 -5.00 19.04 -14.28
CA HIS B 25 -4.72 18.87 -12.86
C HIS B 25 -4.79 17.38 -12.52
N LEU B 26 -5.83 16.70 -13.00
CA LEU B 26 -6.00 15.27 -12.76
C LEU B 26 -4.82 14.49 -13.30
N GLN B 27 -4.36 14.84 -14.49
CA GLN B 27 -3.22 14.15 -15.11
C GLN B 27 -1.96 14.28 -14.26
N ALA B 28 -1.69 15.50 -13.79
CA ALA B 28 -0.52 15.75 -12.98
C ALA B 28 -0.64 15.05 -11.63
N ALA B 29 -1.79 15.20 -10.99
CA ALA B 29 -2.04 14.59 -9.69
C ALA B 29 -1.96 13.08 -9.77
N PHE B 30 -2.52 12.51 -10.84
CA PHE B 30 -2.52 11.07 -11.02
C PHE B 30 -1.12 10.54 -11.28
N SER B 31 -0.33 11.29 -12.05
CA SER B 31 1.04 10.88 -12.34
C SER B 31 1.83 10.73 -11.04
N GLN B 32 1.63 11.67 -10.13
CA GLN B 32 2.33 11.63 -8.86
C GLN B 32 1.87 10.43 -8.05
N TYR B 33 0.57 10.27 -7.93
CA TYR B 33 0.02 9.17 -7.15
C TYR B 33 0.38 7.78 -7.67
N LYS B 34 0.63 7.65 -8.97
CA LYS B 34 1.01 6.36 -9.52
C LYS B 34 2.36 5.96 -8.93
N LYS B 35 3.29 6.92 -8.86
CA LYS B 35 4.62 6.65 -8.31
C LYS B 35 4.48 6.28 -6.83
N VAL B 36 3.65 7.04 -6.11
CA VAL B 36 3.42 6.80 -4.70
C VAL B 36 2.84 5.41 -4.46
N GLU B 37 1.84 5.04 -5.25
CA GLU B 37 1.20 3.74 -5.12
C GLU B 37 2.13 2.55 -5.37
N LEU B 38 3.00 2.66 -6.36
CA LEU B 38 3.91 1.57 -6.70
C LEU B 38 5.06 1.39 -5.71
N PHE B 39 5.31 2.39 -4.89
CA PHE B 39 6.38 2.30 -3.90
C PHE B 39 5.83 1.70 -2.60
N PRO B 40 6.45 0.61 -2.11
CA PRO B 40 7.61 -0.13 -2.61
C PRO B 40 7.25 -1.52 -3.13
N ASN B 41 5.97 -1.84 -3.20
CA ASN B 41 5.55 -3.18 -3.60
C ASN B 41 5.06 -3.38 -5.03
N GLY B 42 5.18 -2.35 -5.86
CA GLY B 42 4.72 -2.49 -7.23
C GLY B 42 5.78 -2.18 -8.26
N GLN B 43 5.55 -2.64 -9.49
CA GLN B 43 6.46 -2.42 -10.60
C GLN B 43 5.65 -2.28 -11.88
N SER B 44 5.88 -1.18 -12.58
CA SER B 44 5.18 -0.92 -13.83
C SER B 44 6.06 -1.31 -15.01
N VAL B 45 5.47 -1.99 -15.99
CA VAL B 45 6.22 -2.40 -17.18
C VAL B 45 5.25 -2.39 -18.36
N GLY B 46 5.41 -1.42 -19.24
CA GLY B 46 4.52 -1.32 -20.37
C GLY B 46 3.19 -0.91 -19.76
N GLU B 47 2.12 -1.61 -20.14
CA GLU B 47 0.81 -1.29 -19.59
C GLU B 47 0.40 -2.27 -18.49
N LYS B 48 1.35 -3.10 -18.06
CA LYS B 48 1.09 -4.08 -17.02
C LYS B 48 1.69 -3.62 -15.69
N ILE B 49 1.04 -4.00 -14.60
CA ILE B 49 1.54 -3.64 -13.27
C ILE B 49 1.62 -4.89 -12.41
N PHE B 50 2.80 -5.11 -11.81
CA PHE B 50 2.98 -6.24 -10.90
C PHE B 50 2.90 -5.64 -9.50
N LYS B 51 2.26 -6.35 -8.58
CA LYS B 51 2.19 -5.89 -7.20
C LYS B 51 2.26 -7.08 -6.28
N THR B 52 3.17 -7.03 -5.31
CA THR B 52 3.31 -8.15 -4.39
C THR B 52 2.49 -7.91 -3.11
N ALA B 53 1.92 -8.99 -2.59
CA ALA B 53 1.13 -8.92 -1.36
C ALA B 53 2.07 -8.85 -0.17
N GLY B 54 3.34 -9.17 -0.43
CA GLY B 54 4.34 -9.12 0.63
C GLY B 54 4.46 -10.36 1.49
N PHE B 55 3.67 -11.40 1.18
CA PHE B 55 3.73 -12.63 1.95
C PHE B 55 3.65 -13.86 1.05
N VAL B 56 3.85 -15.04 1.62
CA VAL B 56 3.81 -16.28 0.86
C VAL B 56 2.53 -17.09 1.06
N LYS B 57 2.18 -17.86 0.04
CA LYS B 57 0.98 -18.71 0.07
C LYS B 57 1.11 -19.86 -0.93
N PRO B 58 0.38 -20.96 -0.71
CA PRO B 58 0.45 -22.07 -1.66
C PRO B 58 -0.18 -21.55 -2.95
N PHE B 59 0.08 -22.22 -4.07
CA PHE B 59 -0.45 -21.78 -5.36
C PHE B 59 -1.95 -21.48 -5.41
N THR B 60 -2.77 -22.43 -4.98
CA THR B 60 -4.22 -22.24 -5.03
C THR B 60 -4.67 -20.99 -4.28
N GLU B 61 -4.15 -20.79 -3.08
CA GLU B 61 -4.52 -19.62 -2.28
C GLU B 61 -4.05 -18.34 -2.97
N ALA B 62 -2.83 -18.35 -3.50
CA ALA B 62 -2.26 -17.19 -4.19
C ALA B 62 -3.08 -16.85 -5.43
N GLN B 63 -3.44 -17.87 -6.19
CA GLN B 63 -4.24 -17.70 -7.40
C GLN B 63 -5.57 -17.03 -7.07
N LEU B 64 -6.24 -17.53 -6.03
CA LEU B 64 -7.54 -16.98 -5.64
C LEU B 64 -7.42 -15.53 -5.18
N LEU B 65 -6.38 -15.21 -4.42
CA LEU B 65 -6.18 -13.84 -3.96
C LEU B 65 -6.11 -12.88 -5.15
N CYS B 66 -5.33 -13.25 -6.17
CA CYS B 66 -5.18 -12.40 -7.35
C CYS B 66 -6.47 -12.27 -8.16
N THR B 67 -7.15 -13.38 -8.38
CA THR B 67 -8.38 -13.36 -9.17
C THR B 67 -9.48 -12.56 -8.47
N GLN B 68 -9.60 -12.72 -7.16
CA GLN B 68 -10.62 -12.00 -6.41
C GLN B 68 -10.33 -10.51 -6.37
N ALA B 69 -9.05 -10.15 -6.55
CA ALA B 69 -8.65 -8.75 -6.52
C ALA B 69 -8.80 -8.10 -7.90
N GLY B 70 -9.27 -8.88 -8.88
CA GLY B 70 -9.45 -8.34 -10.21
C GLY B 70 -8.25 -8.48 -11.14
N GLY B 71 -7.32 -9.36 -10.79
CA GLY B 71 -6.15 -9.57 -11.62
C GLY B 71 -5.86 -11.06 -11.69
N GLN B 72 -4.58 -11.43 -11.76
CA GLN B 72 -4.19 -12.83 -11.80
C GLN B 72 -2.74 -12.93 -11.40
N LEU B 73 -2.29 -14.15 -11.16
CA LEU B 73 -0.90 -14.35 -10.76
C LEU B 73 0.02 -13.81 -11.84
N ALA B 74 1.19 -13.35 -11.42
CA ALA B 74 2.19 -12.80 -12.33
C ALA B 74 2.36 -13.73 -13.53
N SER B 75 2.26 -13.16 -14.73
CA SER B 75 2.38 -13.91 -15.98
C SER B 75 3.31 -13.19 -16.94
N PRO B 76 4.62 -13.19 -16.66
CA PRO B 76 5.56 -12.50 -17.55
C PRO B 76 5.57 -13.09 -18.96
N ARG B 77 5.25 -12.25 -19.94
CA ARG B 77 5.19 -12.68 -21.34
C ARG B 77 6.32 -12.15 -22.21
N SER B 78 7.35 -11.58 -21.58
CA SER B 78 8.51 -11.05 -22.29
C SER B 78 9.64 -10.89 -21.29
N ALA B 79 10.86 -10.73 -21.81
CA ALA B 79 12.03 -10.55 -20.95
C ALA B 79 11.88 -9.29 -20.11
N ALA B 80 11.32 -8.24 -20.71
CA ALA B 80 11.12 -6.98 -20.01
C ALA B 80 10.19 -7.18 -18.81
N GLU B 81 9.09 -7.89 -19.01
CA GLU B 81 8.16 -8.15 -17.93
C GLU B 81 8.80 -9.05 -16.88
N ASN B 82 9.60 -10.01 -17.34
CA ASN B 82 10.25 -10.91 -16.39
C ASN B 82 11.25 -10.14 -15.53
N ALA B 83 11.98 -9.23 -16.14
CA ALA B 83 12.96 -8.43 -15.40
C ALA B 83 12.27 -7.54 -14.37
N ALA B 84 11.11 -7.01 -14.74
CA ALA B 84 10.35 -6.14 -13.86
C ALA B 84 9.87 -6.94 -12.66
N LEU B 85 9.39 -8.16 -12.93
CA LEU B 85 8.93 -9.05 -11.86
C LEU B 85 10.09 -9.42 -10.97
N GLN B 86 11.23 -9.73 -11.59
CA GLN B 86 12.43 -10.10 -10.85
C GLN B 86 12.81 -9.02 -9.84
N GLN B 87 12.60 -7.76 -10.21
CA GLN B 87 12.94 -6.65 -9.31
C GLN B 87 12.19 -6.76 -7.98
N LEU B 88 10.92 -7.18 -8.03
CA LEU B 88 10.15 -7.35 -6.81
C LEU B 88 10.63 -8.55 -6.02
N VAL B 89 10.89 -9.66 -6.71
CA VAL B 89 11.37 -10.87 -6.07
C VAL B 89 12.68 -10.59 -5.33
N VAL B 90 13.58 -9.83 -5.97
CA VAL B 90 14.86 -9.47 -5.37
C VAL B 90 14.64 -8.59 -4.15
N ALA B 91 13.75 -7.60 -4.29
CA ALA B 91 13.46 -6.69 -3.20
C ALA B 91 12.95 -7.40 -1.94
N LYS B 92 12.07 -8.38 -2.13
CA LYS B 92 11.52 -9.12 -1.01
C LYS B 92 12.37 -10.34 -0.66
N ASN B 93 13.33 -10.65 -1.53
CA ASN B 93 14.22 -11.77 -1.35
C ASN B 93 13.44 -13.07 -1.12
N GLU B 94 12.36 -13.23 -1.88
CA GLU B 94 11.51 -14.41 -1.80
C GLU B 94 11.07 -14.82 -3.20
N ALA B 95 11.33 -16.07 -3.59
CA ALA B 95 10.90 -16.52 -4.91
C ALA B 95 9.38 -16.45 -4.93
N ALA B 96 8.81 -16.18 -6.11
CA ALA B 96 7.37 -16.05 -6.27
C ALA B 96 6.77 -17.03 -7.26
N PHE B 97 5.47 -17.28 -7.12
CA PHE B 97 4.74 -18.15 -8.04
C PHE B 97 4.34 -17.36 -9.27
N LEU B 98 4.33 -18.04 -10.41
CA LEU B 98 3.87 -17.45 -11.65
C LEU B 98 2.50 -18.08 -11.80
N SER B 99 1.72 -17.64 -12.77
CA SER B 99 0.36 -18.18 -12.95
C SER B 99 0.30 -19.47 -13.74
N MET B 100 1.35 -19.78 -14.47
CA MET B 100 1.34 -20.95 -15.35
C MET B 100 1.58 -22.31 -14.72
N THR B 101 0.90 -23.32 -15.25
CA THR B 101 1.05 -24.68 -14.75
C THR B 101 0.85 -25.67 -15.88
N ASP B 102 1.20 -26.92 -15.64
CA ASP B 102 1.01 -27.97 -16.63
C ASP B 102 0.18 -29.04 -15.95
N SER B 103 -0.80 -28.58 -15.17
CA SER B 103 -1.71 -29.46 -14.43
C SER B 103 -2.61 -30.23 -15.39
N LYS B 104 -3.08 -29.55 -16.44
CA LYS B 104 -3.96 -30.18 -17.41
C LYS B 104 -3.21 -31.28 -18.15
N THR B 105 -2.15 -30.90 -18.85
CA THR B 105 -1.35 -31.88 -19.58
C THR B 105 0.12 -31.76 -19.22
N GLU B 106 0.61 -32.77 -18.51
CA GLU B 106 2.00 -32.85 -18.06
C GLU B 106 3.00 -32.51 -19.18
N GLY B 107 3.91 -31.60 -18.89
CA GLY B 107 4.92 -31.22 -19.87
C GLY B 107 4.55 -30.00 -20.69
N LYS B 108 3.28 -29.63 -20.67
CA LYS B 108 2.81 -28.47 -21.43
C LYS B 108 2.28 -27.39 -20.50
N PHE B 109 3.09 -26.37 -20.25
CA PHE B 109 2.68 -25.26 -19.38
C PHE B 109 1.83 -24.25 -20.13
N THR B 110 0.77 -23.80 -19.48
CA THR B 110 -0.17 -22.85 -20.06
C THR B 110 -0.53 -21.71 -19.10
N TYR B 111 -1.08 -20.62 -19.66
CA TYR B 111 -1.52 -19.50 -18.84
C TYR B 111 -2.90 -19.91 -18.35
N PRO B 112 -3.46 -19.18 -17.36
CA PRO B 112 -4.78 -19.52 -16.84
C PRO B 112 -5.86 -19.67 -17.93
N THR B 113 -5.62 -19.04 -19.07
CA THR B 113 -6.56 -19.08 -20.18
C THR B 113 -6.46 -20.35 -21.02
N GLY B 114 -5.31 -21.02 -20.97
CA GLY B 114 -5.15 -22.25 -21.73
C GLY B 114 -4.14 -22.16 -22.85
N GLU B 115 -3.77 -20.94 -23.25
CA GLU B 115 -2.79 -20.78 -24.32
C GLU B 115 -1.41 -21.19 -23.83
N SER B 116 -0.57 -21.63 -24.75
CA SER B 116 0.79 -22.04 -24.42
C SER B 116 1.64 -20.79 -24.18
N LEU B 117 2.77 -20.98 -23.52
CA LEU B 117 3.68 -19.86 -23.23
C LEU B 117 4.23 -19.18 -24.47
N VAL B 118 4.38 -17.86 -24.38
CA VAL B 118 4.92 -17.08 -25.49
C VAL B 118 6.33 -16.63 -25.08
N TYR B 119 6.70 -16.95 -23.84
CA TYR B 119 8.01 -16.61 -23.28
C TYR B 119 8.30 -17.53 -22.10
N SER B 120 9.57 -17.82 -21.87
CA SER B 120 9.96 -18.65 -20.74
C SER B 120 11.42 -18.35 -20.40
N ASN B 121 11.78 -18.54 -19.13
CA ASN B 121 13.14 -18.29 -18.71
C ASN B 121 13.59 -19.37 -17.74
N TRP B 122 13.41 -20.62 -18.17
CA TRP B 122 13.77 -21.78 -17.37
C TRP B 122 15.26 -21.88 -17.06
N ALA B 123 15.56 -22.27 -15.83
CA ALA B 123 16.95 -22.47 -15.44
C ALA B 123 17.31 -23.74 -16.22
N PRO B 124 18.61 -23.99 -16.45
CA PRO B 124 19.03 -25.17 -17.19
C PRO B 124 18.45 -26.47 -16.59
N GLY B 125 17.91 -27.32 -17.46
CA GLY B 125 17.35 -28.59 -17.00
C GLY B 125 15.89 -28.55 -16.57
N GLU B 126 15.33 -27.36 -16.43
CA GLU B 126 13.93 -27.20 -16.04
C GLU B 126 13.06 -26.94 -17.26
N PRO B 127 11.77 -27.33 -17.19
CA PRO B 127 11.12 -27.98 -16.05
C PRO B 127 11.49 -29.46 -16.02
N ASN B 128 11.58 -30.05 -14.83
CA ASN B 128 11.95 -31.46 -14.70
C ASN B 128 10.93 -32.31 -13.94
N ASP B 129 9.78 -31.73 -13.59
CA ASP B 129 8.72 -32.44 -12.86
C ASP B 129 9.32 -33.35 -11.79
N ASP B 130 10.20 -32.79 -10.98
CA ASP B 130 10.87 -33.54 -9.93
C ASP B 130 9.90 -34.32 -9.05
N GLY B 131 10.21 -35.60 -8.82
CA GLY B 131 9.35 -36.44 -8.01
C GLY B 131 8.02 -36.68 -8.69
N GLY B 132 7.96 -36.34 -9.98
CA GLY B 132 6.73 -36.51 -10.73
C GLY B 132 5.60 -35.68 -10.13
N SER B 133 5.93 -34.58 -9.47
CA SER B 133 4.89 -33.77 -8.84
C SER B 133 5.12 -32.25 -8.79
N GLU B 134 5.65 -31.68 -9.86
CA GLU B 134 5.86 -30.23 -9.90
C GLU B 134 5.09 -29.66 -11.08
N ASP B 135 3.92 -29.08 -10.81
CA ASP B 135 3.10 -28.53 -11.88
C ASP B 135 2.99 -27.02 -11.90
N CYS B 136 3.58 -26.37 -10.91
CA CYS B 136 3.56 -24.91 -10.81
C CYS B 136 4.94 -24.36 -11.12
N VAL B 137 5.05 -23.03 -11.20
CA VAL B 137 6.31 -22.40 -11.54
C VAL B 137 6.69 -21.27 -10.59
N GLU B 138 7.95 -21.25 -10.20
CA GLU B 138 8.46 -20.20 -9.31
C GLU B 138 9.57 -19.47 -10.07
N ILE B 139 9.74 -18.18 -9.75
CA ILE B 139 10.79 -17.40 -10.36
C ILE B 139 11.77 -17.06 -9.23
N PHE B 140 13.06 -17.29 -9.49
CA PHE B 140 14.11 -17.03 -8.50
C PHE B 140 14.57 -15.58 -8.50
N THR B 141 15.39 -15.22 -7.52
CA THR B 141 15.92 -13.86 -7.41
C THR B 141 16.82 -13.55 -8.61
N ASN B 142 17.31 -14.57 -9.29
CA ASN B 142 18.16 -14.35 -10.45
C ASN B 142 17.29 -14.30 -11.71
N GLY B 143 15.98 -14.28 -11.52
CA GLY B 143 15.05 -14.20 -12.63
C GLY B 143 14.75 -15.48 -13.37
N LYS B 144 15.45 -16.57 -13.06
CA LYS B 144 15.22 -17.83 -13.74
C LYS B 144 14.01 -18.58 -13.19
N TRP B 145 13.45 -19.47 -14.01
CA TRP B 145 12.27 -20.24 -13.64
C TRP B 145 12.56 -21.69 -13.28
N ASN B 146 11.73 -22.24 -12.41
CA ASN B 146 11.84 -23.63 -11.99
C ASN B 146 10.46 -24.17 -11.71
N ASP B 147 10.12 -25.35 -12.25
CA ASP B 147 8.80 -25.88 -11.95
C ASP B 147 8.89 -26.41 -10.52
N ARG B 148 7.81 -26.22 -9.76
CA ARG B 148 7.83 -26.60 -8.36
C ARG B 148 6.47 -27.09 -7.90
N ALA B 149 6.45 -27.85 -6.82
CA ALA B 149 5.20 -28.37 -6.26
C ALA B 149 4.27 -27.21 -5.90
N CYS B 150 3.04 -27.28 -6.39
CA CYS B 150 2.04 -26.26 -6.15
C CYS B 150 1.68 -26.10 -4.68
N GLY B 151 2.02 -27.10 -3.87
CA GLY B 151 1.71 -27.06 -2.45
C GLY B 151 2.69 -26.19 -1.66
N GLU B 152 3.84 -25.91 -2.25
CA GLU B 152 4.85 -25.08 -1.59
C GLU B 152 4.36 -23.65 -1.46
N LYS B 153 4.88 -22.92 -0.48
CA LYS B 153 4.48 -21.53 -0.28
C LYS B 153 5.50 -20.58 -0.90
N ARG B 154 5.04 -19.69 -1.77
CA ARG B 154 5.92 -18.74 -2.42
C ARG B 154 5.33 -17.33 -2.40
N LEU B 155 6.16 -16.33 -2.65
CA LEU B 155 5.73 -14.94 -2.64
C LEU B 155 4.56 -14.71 -3.61
N VAL B 156 3.53 -14.03 -3.11
CA VAL B 156 2.35 -13.73 -3.92
C VAL B 156 2.54 -12.43 -4.68
N VAL B 157 2.55 -12.51 -6.00
CA VAL B 157 2.69 -11.32 -6.83
C VAL B 157 1.59 -11.42 -7.89
N CYS B 158 0.74 -10.40 -7.95
CA CYS B 158 -0.34 -10.39 -8.92
C CYS B 158 -0.05 -9.37 -10.00
N GLU B 159 -0.68 -9.53 -11.15
CA GLU B 159 -0.51 -8.55 -12.21
C GLU B 159 -1.88 -7.95 -12.50
N PHE B 160 -1.89 -6.66 -12.82
CA PHE B 160 -3.13 -5.94 -13.12
C PHE B 160 -2.94 -5.12 -14.39
N GLN C 15 -22.25 17.82 -25.52
CA GLN C 15 -20.95 17.08 -25.56
C GLN C 15 -19.97 17.66 -24.54
N VAL C 16 -19.73 18.96 -24.62
CA VAL C 16 -18.82 19.63 -23.70
C VAL C 16 -19.31 19.38 -22.27
N GLU C 17 -20.61 19.20 -22.12
CA GLU C 17 -21.20 18.94 -20.81
C GLU C 17 -21.09 17.46 -20.46
N ALA C 18 -21.11 16.60 -21.48
CA ALA C 18 -21.01 15.17 -21.26
C ALA C 18 -19.62 14.84 -20.74
N LEU C 19 -18.64 15.65 -21.12
CA LEU C 19 -17.27 15.46 -20.68
C LEU C 19 -17.17 15.97 -19.25
N GLN C 20 -18.12 16.83 -18.88
CA GLN C 20 -18.17 17.39 -17.53
C GLN C 20 -18.52 16.30 -16.53
N GLY C 21 -19.56 15.53 -16.85
CA GLY C 21 -19.98 14.46 -15.98
C GLY C 21 -18.88 13.46 -15.69
N GLN C 22 -17.98 13.29 -16.65
CA GLN C 22 -16.87 12.35 -16.49
C GLN C 22 -15.77 12.94 -15.61
N VAL C 23 -15.31 14.14 -15.96
CA VAL C 23 -14.26 14.80 -15.21
C VAL C 23 -14.67 14.98 -13.75
N GLN C 24 -15.95 15.27 -13.55
CA GLN C 24 -16.49 15.47 -12.21
C GLN C 24 -16.44 14.16 -11.42
N HIS C 25 -16.85 13.07 -12.06
CA HIS C 25 -16.82 11.77 -11.39
C HIS C 25 -15.38 11.40 -11.07
N LEU C 26 -14.47 11.68 -12.01
CA LEU C 26 -13.06 11.38 -11.81
C LEU C 26 -12.48 12.15 -10.63
N GLN C 27 -12.84 13.43 -10.50
CA GLN C 27 -12.33 14.23 -9.40
C GLN C 27 -12.78 13.64 -8.07
N ALA C 28 -14.03 13.20 -8.00
CA ALA C 28 -14.54 12.62 -6.77
C ALA C 28 -13.88 11.27 -6.48
N ALA C 29 -13.80 10.41 -7.49
CA ALA C 29 -13.19 9.09 -7.31
C ALA C 29 -11.72 9.22 -6.95
N PHE C 30 -11.02 10.12 -7.63
CA PHE C 30 -9.60 10.34 -7.38
C PHE C 30 -9.35 10.80 -5.95
N SER C 31 -10.16 11.73 -5.48
CA SER C 31 -10.00 12.25 -4.13
C SER C 31 -10.18 11.13 -3.08
N GLN C 32 -11.14 10.25 -3.31
CA GLN C 32 -11.37 9.13 -2.38
C GLN C 32 -10.16 8.19 -2.40
N TYR C 33 -9.70 7.86 -3.62
CA TYR C 33 -8.55 6.99 -3.80
C TYR C 33 -7.29 7.56 -3.14
N LYS C 34 -7.14 8.87 -3.19
CA LYS C 34 -5.97 9.51 -2.58
C LYS C 34 -5.91 9.23 -1.09
N LYS C 35 -7.03 9.41 -0.41
CA LYS C 35 -7.07 9.15 1.03
C LYS C 35 -6.72 7.69 1.31
N VAL C 36 -7.28 6.80 0.51
CA VAL C 36 -7.02 5.38 0.68
C VAL C 36 -5.53 5.06 0.52
N GLU C 37 -4.91 5.63 -0.51
CA GLU C 37 -3.50 5.40 -0.80
C GLU C 37 -2.59 5.83 0.34
N LEU C 38 -2.86 7.02 0.88
CA LEU C 38 -2.03 7.57 1.95
C LEU C 38 -2.17 6.87 3.30
N PHE C 39 -3.24 6.10 3.48
CA PHE C 39 -3.44 5.39 4.74
C PHE C 39 -2.81 4.00 4.67
N PRO C 40 -1.93 3.66 5.61
CA PRO C 40 -1.46 4.47 6.73
C PRO C 40 0.00 4.91 6.59
N ASN C 41 0.61 4.66 5.43
CA ASN C 41 2.02 4.96 5.23
C ASN C 41 2.41 6.25 4.50
N GLY C 42 1.44 7.11 4.21
CA GLY C 42 1.78 8.34 3.52
C GLY C 42 1.33 9.61 4.23
N GLN C 43 1.92 10.73 3.83
CA GLN C 43 1.58 12.03 4.39
C GLN C 43 1.68 13.07 3.28
N SER C 44 0.62 13.83 3.09
CA SER C 44 0.60 14.86 2.07
C SER C 44 0.80 16.22 2.72
N VAL C 45 1.68 17.02 2.14
CA VAL C 45 1.96 18.36 2.65
C VAL C 45 2.25 19.25 1.45
N GLY C 46 1.31 20.16 1.15
CA GLY C 46 1.48 21.01 -0.02
C GLY C 46 1.40 20.13 -1.25
N GLU C 47 2.35 20.30 -2.17
CA GLU C 47 2.38 19.49 -3.38
C GLU C 47 3.25 18.25 -3.19
N LYS C 48 3.80 18.10 -2.00
CA LYS C 48 4.68 16.96 -1.70
C LYS C 48 3.99 15.82 -0.96
N ILE C 49 4.42 14.60 -1.25
CA ILE C 49 3.87 13.41 -0.60
C ILE C 49 5.01 12.55 -0.09
N PHE C 50 5.00 12.27 1.21
CA PHE C 50 6.00 11.42 1.84
C PHE C 50 5.37 10.04 1.98
N LYS C 51 6.14 8.99 1.76
CA LYS C 51 5.63 7.65 1.94
C LYS C 51 6.74 6.74 2.44
N THR C 52 6.46 6.01 3.51
CA THR C 52 7.45 5.12 4.06
C THR C 52 7.26 3.71 3.51
N ALA C 53 8.37 3.01 3.33
CA ALA C 53 8.35 1.63 2.83
C ALA C 53 8.04 0.67 3.97
N GLY C 54 8.09 1.18 5.20
CA GLY C 54 7.79 0.34 6.35
C GLY C 54 8.95 -0.47 6.91
N PHE C 55 10.12 -0.39 6.27
CA PHE C 55 11.29 -1.13 6.74
C PHE C 55 12.53 -0.23 6.74
N VAL C 56 13.62 -0.71 7.34
CA VAL C 56 14.87 0.05 7.42
C VAL C 56 15.91 -0.45 6.43
N LYS C 57 16.80 0.45 6.03
CA LYS C 57 17.87 0.15 5.08
C LYS C 57 19.01 1.15 5.28
N PRO C 58 20.23 0.79 4.83
CA PRO C 58 21.36 1.72 4.96
C PRO C 58 21.10 2.82 3.94
N PHE C 59 21.74 3.98 4.14
CA PHE C 59 21.53 5.11 3.25
C PHE C 59 21.59 4.84 1.74
N THR C 60 22.71 4.28 1.27
CA THR C 60 22.86 4.01 -0.15
C THR C 60 21.73 3.19 -0.75
N GLU C 61 21.28 2.18 -0.02
CA GLU C 61 20.19 1.33 -0.49
C GLU C 61 18.86 2.05 -0.42
N ALA C 62 18.67 2.85 0.62
CA ALA C 62 17.44 3.60 0.79
C ALA C 62 17.34 4.61 -0.35
N GLN C 63 18.46 5.27 -0.64
CA GLN C 63 18.53 6.26 -1.70
C GLN C 63 18.19 5.65 -3.06
N LEU C 64 18.74 4.48 -3.33
CA LEU C 64 18.49 3.79 -4.60
C LEU C 64 17.02 3.42 -4.75
N LEU C 65 16.43 2.92 -3.66
CA LEU C 65 15.02 2.54 -3.67
C LEU C 65 14.12 3.69 -4.05
N CYS C 66 14.40 4.87 -3.51
CA CYS C 66 13.59 6.05 -3.81
C CYS C 66 13.81 6.56 -5.22
N THR C 67 15.06 6.54 -5.69
CA THR C 67 15.35 7.03 -7.03
C THR C 67 14.73 6.13 -8.09
N GLN C 68 14.78 4.82 -7.85
CA GLN C 68 14.21 3.86 -8.79
C GLN C 68 12.68 3.94 -8.81
N ALA C 69 12.10 4.44 -7.72
CA ALA C 69 10.65 4.58 -7.63
C ALA C 69 10.21 5.89 -8.26
N GLY C 70 11.18 6.64 -8.79
CA GLY C 70 10.86 7.91 -9.42
C GLY C 70 10.84 9.11 -8.47
N GLY C 71 11.36 8.92 -7.26
CA GLY C 71 11.39 10.02 -6.32
C GLY C 71 12.76 10.17 -5.69
N GLN C 72 12.78 10.56 -4.42
CA GLN C 72 14.04 10.69 -3.69
C GLN C 72 13.78 10.58 -2.21
N LEU C 73 14.84 10.42 -1.42
CA LEU C 73 14.67 10.31 0.03
C LEU C 73 14.02 11.58 0.57
N ALA C 74 13.30 11.44 1.68
CA ALA C 74 12.63 12.56 2.31
C ALA C 74 13.54 13.78 2.43
N SER C 75 13.06 14.92 1.96
CA SER C 75 13.85 16.15 1.98
C SER C 75 13.00 17.30 2.50
N PRO C 76 12.71 17.34 3.81
CA PRO C 76 11.90 18.42 4.38
C PRO C 76 12.55 19.78 4.15
N ARG C 77 11.81 20.70 3.53
CA ARG C 77 12.32 22.04 3.25
C ARG C 77 11.62 23.13 4.03
N SER C 78 10.87 22.74 5.05
CA SER C 78 10.15 23.69 5.89
C SER C 78 9.65 23.00 7.14
N ALA C 79 9.20 23.80 8.11
CA ALA C 79 8.67 23.28 9.35
C ALA C 79 7.46 22.40 9.07
N ALA C 80 6.63 22.84 8.13
CA ALA C 80 5.42 22.10 7.76
C ALA C 80 5.75 20.72 7.18
N GLU C 81 6.71 20.67 6.28
CA GLU C 81 7.10 19.39 5.69
C GLU C 81 7.75 18.50 6.74
N ASN C 82 8.57 19.10 7.60
CA ASN C 82 9.25 18.34 8.63
C ASN C 82 8.25 17.73 9.62
N ALA C 83 7.18 18.47 9.91
CA ALA C 83 6.15 17.98 10.82
C ALA C 83 5.43 16.79 10.19
N ALA C 84 5.15 16.91 8.90
CA ALA C 84 4.46 15.84 8.18
C ALA C 84 5.30 14.57 8.19
N LEU C 85 6.61 14.72 7.95
CA LEU C 85 7.52 13.58 7.94
C LEU C 85 7.60 12.98 9.34
N GLN C 86 7.61 13.85 10.34
CA GLN C 86 7.68 13.42 11.73
C GLN C 86 6.52 12.52 12.11
N GLN C 87 5.34 12.78 11.56
CA GLN C 87 4.17 11.96 11.84
C GLN C 87 4.43 10.52 11.46
N LEU C 88 5.08 10.32 10.32
CA LEU C 88 5.39 8.98 9.86
C LEU C 88 6.40 8.30 10.77
N VAL C 89 7.42 9.07 11.18
CA VAL C 89 8.45 8.55 12.06
C VAL C 89 7.83 8.09 13.38
N VAL C 90 6.93 8.90 13.91
CA VAL C 90 6.25 8.58 15.17
C VAL C 90 5.37 7.34 15.00
N ALA C 91 4.60 7.31 13.91
CA ALA C 91 3.71 6.19 13.66
C ALA C 91 4.45 4.88 13.63
N LYS C 92 5.62 4.87 12.98
CA LYS C 92 6.42 3.66 12.88
C LYS C 92 7.40 3.53 14.05
N ASN C 93 7.54 4.60 14.81
CA ASN C 93 8.46 4.62 15.95
C ASN C 93 9.84 4.13 15.49
N GLU C 94 10.30 4.69 14.37
CA GLU C 94 11.60 4.34 13.79
C GLU C 94 12.19 5.58 13.13
N ALA C 95 13.35 6.02 13.59
CA ALA C 95 14.00 7.20 13.00
C ALA C 95 14.22 6.92 11.52
N ALA C 96 14.15 7.96 10.70
CA ALA C 96 14.32 7.82 9.25
C ALA C 96 15.46 8.63 8.67
N PHE C 97 15.95 8.18 7.52
CA PHE C 97 17.02 8.89 6.83
C PHE C 97 16.44 10.02 6.00
N LEU C 98 17.19 11.11 5.92
CA LEU C 98 16.80 12.24 5.08
C LEU C 98 17.70 12.06 3.87
N SER C 99 17.47 12.83 2.81
CA SER C 99 18.28 12.69 1.61
C SER C 99 19.61 13.43 1.66
N MET C 100 19.71 14.39 2.57
CA MET C 100 20.89 15.24 2.68
C MET C 100 22.14 14.66 3.33
N THR C 101 23.30 15.01 2.77
CA THR C 101 24.58 14.54 3.27
C THR C 101 25.65 15.61 3.09
N ASP C 102 26.77 15.47 3.79
CA ASP C 102 27.87 16.40 3.62
C ASP C 102 29.07 15.54 3.21
N SER C 103 28.77 14.55 2.37
CA SER C 103 29.76 13.61 1.85
C SER C 103 30.75 14.27 0.89
N LYS C 104 30.29 15.30 0.18
CA LYS C 104 31.15 16.01 -0.76
C LYS C 104 32.12 16.90 -0.01
N THR C 105 31.57 17.80 0.80
CA THR C 105 32.38 18.72 1.59
C THR C 105 31.95 18.66 3.05
N GLU C 106 32.80 18.05 3.89
CA GLU C 106 32.52 17.94 5.31
C GLU C 106 32.03 19.26 5.91
N GLY C 107 31.02 19.18 6.77
CA GLY C 107 30.48 20.37 7.39
C GLY C 107 29.42 21.09 6.58
N LYS C 108 29.31 20.74 5.30
CA LYS C 108 28.31 21.38 4.44
C LYS C 108 27.31 20.37 3.91
N PHE C 109 26.12 20.35 4.50
CA PHE C 109 25.07 19.43 4.07
C PHE C 109 24.31 19.98 2.88
N THR C 110 24.08 19.11 1.91
CA THR C 110 23.40 19.50 0.68
C THR C 110 22.34 18.48 0.26
N TYR C 111 21.39 18.94 -0.55
CA TYR C 111 20.35 18.08 -1.07
C TYR C 111 21.02 17.29 -2.18
N PRO C 112 20.36 16.24 -2.71
CA PRO C 112 20.96 15.46 -3.78
C PRO C 112 21.44 16.29 -4.98
N THR C 113 20.73 17.37 -5.28
CA THR C 113 21.08 18.24 -6.41
C THR C 113 22.36 19.04 -6.20
N GLY C 114 22.74 19.24 -4.95
CA GLY C 114 23.95 19.99 -4.65
C GLY C 114 23.61 21.28 -3.92
N GLU C 115 22.35 21.67 -4.03
CA GLU C 115 21.84 22.88 -3.39
C GLU C 115 22.08 22.82 -1.89
N SER C 116 22.20 23.99 -1.26
CA SER C 116 22.42 24.07 0.18
C SER C 116 21.08 24.05 0.90
N LEU C 117 21.08 23.64 2.16
CA LEU C 117 19.85 23.56 2.94
C LEU C 117 19.10 24.89 3.06
N VAL C 118 17.79 24.85 2.84
CA VAL C 118 16.95 26.05 2.94
C VAL C 118 16.21 25.99 4.26
N TYR C 119 16.36 24.86 4.95
CA TYR C 119 15.71 24.62 6.23
C TYR C 119 16.50 23.54 6.94
N SER C 120 16.52 23.61 8.27
CA SER C 120 17.21 22.60 9.07
C SER C 120 16.53 22.54 10.42
N ASN C 121 16.63 21.40 11.09
CA ASN C 121 16.02 21.23 12.40
C ASN C 121 16.93 20.35 13.25
N TRP C 122 18.21 20.72 13.29
CA TRP C 122 19.21 19.99 14.06
C TRP C 122 18.94 19.94 15.56
N ALA C 123 19.20 18.79 16.18
CA ALA C 123 19.04 18.68 17.62
C ALA C 123 20.21 19.48 18.19
N PRO C 124 20.14 19.85 19.48
CA PRO C 124 21.23 20.64 20.07
C PRO C 124 22.61 19.98 19.93
N GLY C 125 23.59 20.75 19.47
CA GLY C 125 24.94 20.23 19.31
C GLY C 125 25.22 19.54 17.98
N GLU C 126 24.16 19.30 17.21
CA GLU C 126 24.30 18.63 15.92
C GLU C 126 24.34 19.67 14.79
N PRO C 127 24.99 19.33 13.67
CA PRO C 127 25.68 18.06 13.41
C PRO C 127 27.07 18.10 14.06
N ASN C 128 27.56 16.94 14.50
CA ASN C 128 28.86 16.91 15.17
C ASN C 128 29.87 15.94 14.58
N ASP C 129 29.54 15.35 13.44
CA ASP C 129 30.43 14.40 12.76
C ASP C 129 31.12 13.49 13.77
N ASP C 130 30.32 12.86 14.63
CA ASP C 130 30.85 11.99 15.67
C ASP C 130 31.75 10.89 15.12
N GLY C 131 32.93 10.75 15.73
CA GLY C 131 33.87 9.73 15.27
C GLY C 131 34.48 10.10 13.94
N GLY C 132 34.21 11.33 13.49
CA GLY C 132 34.72 11.79 12.22
C GLY C 132 34.12 11.04 11.05
N SER C 133 32.97 10.40 11.26
CA SER C 133 32.35 9.62 10.20
C SER C 133 30.82 9.65 10.11
N GLU C 134 30.22 10.82 10.30
CA GLU C 134 28.76 10.91 10.19
C GLU C 134 28.39 11.87 9.09
N ASP C 135 28.12 11.34 7.89
CA ASP C 135 27.76 12.16 6.75
C ASP C 135 26.31 12.16 6.34
N CYS C 136 25.50 11.29 6.95
CA CYS C 136 24.09 11.23 6.64
C CYS C 136 23.26 11.86 7.77
N VAL C 137 21.96 11.97 7.56
CA VAL C 137 21.10 12.61 8.55
C VAL C 137 19.87 11.78 8.88
N GLU C 138 19.57 11.67 10.17
CA GLU C 138 18.38 10.94 10.60
C GLU C 138 17.44 11.91 11.30
N ILE C 139 16.14 11.63 11.23
CA ILE C 139 15.15 12.48 11.90
C ILE C 139 14.54 11.61 13.01
N PHE C 140 14.51 12.16 14.22
CA PHE C 140 13.97 11.44 15.38
C PHE C 140 12.45 11.57 15.46
N THR C 141 11.87 10.87 16.44
CA THR C 141 10.43 10.93 16.65
C THR C 141 10.02 12.32 17.12
N ASN C 142 11.00 13.11 17.58
CA ASN C 142 10.69 14.47 18.02
C ASN C 142 10.87 15.47 16.89
N GLY C 143 11.14 14.95 15.70
CA GLY C 143 11.32 15.81 14.53
C GLY C 143 12.70 16.41 14.38
N LYS C 144 13.53 16.30 15.41
CA LYS C 144 14.88 16.86 15.36
C LYS C 144 15.82 16.01 14.52
N TRP C 145 16.85 16.67 13.98
CA TRP C 145 17.84 16.00 13.12
C TRP C 145 19.15 15.70 13.84
N ASN C 146 19.82 14.67 13.35
CA ASN C 146 21.11 14.25 13.90
C ASN C 146 21.91 13.65 12.76
N ASP C 147 23.18 14.07 12.60
CA ASP C 147 23.96 13.45 11.54
C ASP C 147 24.40 12.10 12.08
N ARG C 148 24.34 11.07 11.22
CA ARG C 148 24.66 9.72 11.65
C ARG C 148 25.42 8.98 10.56
N ALA C 149 26.08 7.89 10.92
CA ALA C 149 26.84 7.11 9.96
C ALA C 149 25.89 6.58 8.89
N CYS C 150 26.25 6.81 7.63
CA CYS C 150 25.44 6.37 6.50
C CYS C 150 25.26 4.85 6.45
N GLY C 151 26.17 4.13 7.09
CA GLY C 151 26.10 2.67 7.10
C GLY C 151 25.01 2.12 8.00
N GLU C 152 24.52 2.95 8.91
CA GLU C 152 23.46 2.54 9.82
C GLU C 152 22.16 2.33 9.04
N LYS C 153 21.26 1.53 9.60
CA LYS C 153 19.99 1.27 8.95
C LYS C 153 18.88 2.05 9.62
N ARG C 154 18.11 2.79 8.82
CA ARG C 154 17.02 3.61 9.33
C ARG C 154 15.79 3.46 8.44
N LEU C 155 14.65 3.92 8.93
CA LEU C 155 13.40 3.83 8.19
C LEU C 155 13.51 4.51 6.83
N VAL C 156 13.01 3.84 5.80
CA VAL C 156 13.04 4.38 4.45
C VAL C 156 11.77 5.17 4.17
N VAL C 157 11.94 6.46 3.88
CA VAL C 157 10.81 7.32 3.57
C VAL C 157 11.19 8.09 2.33
N CYS C 158 10.37 7.98 1.29
CA CYS C 158 10.66 8.68 0.06
C CYS C 158 9.67 9.83 -0.12
N GLU C 159 10.01 10.78 -0.98
CA GLU C 159 9.09 11.89 -1.25
C GLU C 159 8.81 11.89 -2.75
N PHE C 160 7.58 12.29 -3.10
CA PHE C 160 7.15 12.32 -4.48
C PHE C 160 6.44 13.64 -4.78
CA CA D . -19.17 -9.39 24.66
CA CA E . -21.71 -1.77 26.78
CA CA F . -20.80 1.01 29.51
O7 289 G . -13.17 -10.21 27.69
C7 289 G . -13.92 -11.32 27.14
C6 289 G . -13.74 -11.35 25.62
O6 289 G . -12.51 -12.00 25.33
C5 289 G . -14.92 -12.12 24.91
O5 289 G . -14.79 -13.59 25.20
C1 289 G . -15.85 -14.42 24.54
O1 289 G . -15.74 -14.23 23.11
C2 289 G . -17.27 -13.98 25.04
O2 289 G . -17.37 -14.19 26.47
C3 289 G . -17.47 -12.46 24.73
O3 289 G . -18.75 -12.05 25.18
C4 289 G . -16.34 -11.63 25.44
O4 289 G . -16.51 -10.22 25.14
CA CA H . 11.90 -28.39 -10.96
CA CA I . 4.71 -31.06 -14.21
CA CA J . 1.60 -33.33 -13.37
O7 289 K . 11.33 -31.03 -4.82
C7 289 K . 12.65 -30.70 -5.30
C6 289 K . 12.83 -29.18 -5.37
O6 289 K . 13.17 -28.72 -4.07
C5 289 K . 13.95 -28.77 -6.39
O5 289 K . 15.17 -29.60 -6.10
C1 289 K . 16.34 -29.26 -6.98
O1 289 K . 16.66 -27.87 -6.76
C2 289 K . 15.96 -29.49 -8.48
O2 289 K . 15.65 -30.89 -8.72
C3 289 K . 14.71 -28.63 -8.83
O3 289 K . 14.39 -28.85 -10.19
C4 289 K . 13.52 -29.03 -7.89
O4 289 K . 12.37 -28.23 -8.20
CA CA L . 25.66 13.27 15.26
CA CA M . 30.02 14.76 8.38
CA CA N . 32.84 13.24 6.03
O7 289 O . 27.82 6.91 16.66
C7 289 O . 27.38 7.88 17.64
C6 289 O . 25.84 7.98 17.64
O6 289 O . 25.32 6.82 18.29
C5 289 O . 25.34 9.27 18.37
O5 289 O . 25.83 9.25 19.79
C1 289 O . 25.31 10.41 20.60
O1 289 O . 23.87 10.34 20.60
C2 289 O . 25.80 11.76 19.96
O2 289 O . 27.24 11.85 20.00
C3 289 O . 25.29 11.83 18.49
O3 289 O . 25.73 13.05 17.92
C4 289 O . 25.85 10.60 17.69
O4 289 O . 25.37 10.67 16.31
#